data_4RME
#
_entry.id   4RME
#
_cell.length_a   65.971
_cell.length_b   65.971
_cell.length_c   112.347
_cell.angle_alpha   90.00
_cell.angle_beta   90.00
_cell.angle_gamma   90.00
#
_symmetry.space_group_name_H-M   'P 43 21 2'
#
loop_
_entity.id
_entity.type
_entity.pdbx_description
1 polymer 'Retinoic acid receptor RXR-alpha'
2 polymer 'Nuclear receptor coactivator 2'
3 non-polymer '(2E,4E,6Z,8E)-3,7-dimethyl-8-[2-(3-methylbutyl)-3-(propan-2-yl)cyclohex-2-en-1-ylidene]octa-2,4,6-trienoic acid'
4 water water
#
loop_
_entity_poly.entity_id
_entity_poly.type
_entity_poly.pdbx_seq_one_letter_code
_entity_poly.pdbx_strand_id
1 'polypeptide(L)'
;EDMPVERILEAELAVEPKTETYVEANMGLNPSSPNDPVTNICQAADKQLFTLVEWAKRIPHFSELPLDDQVILLRAGWNE
LLIASFSHRSIAVKDGILLATGLHVHRNSAHSAGVGAIFDRVLTELVSKMRDMQMDKTELGCLRAIVLFNPDSKGLSNPA
EVEALREKVYASLEAYCKHKYPEQPGRFAKLLLRLPALRSIGLKCLEHLFFFKLIGDTPIDTFLMEMLEAPHQMT
;
A
2 'polypeptide(L)' KHKILHRLLQDSS B
#
# COMPACT_ATOMS: atom_id res chain seq x y z
N GLU A 1 -21.92 6.43 5.99
CA GLU A 1 -22.45 6.25 7.37
C GLU A 1 -21.49 5.50 8.29
N ASP A 2 -20.69 6.25 9.04
CA ASP A 2 -19.71 5.71 9.98
C ASP A 2 -18.40 5.20 9.36
N MET A 3 -17.40 6.07 9.32
CA MET A 3 -16.08 5.74 8.78
C MET A 3 -15.16 6.89 9.17
N PRO A 4 -14.97 7.11 10.48
CA PRO A 4 -14.12 8.19 11.01
C PRO A 4 -12.63 8.10 10.71
N VAL A 5 -12.08 9.22 10.25
CA VAL A 5 -10.67 9.30 9.90
C VAL A 5 -9.78 9.11 11.12
N GLU A 6 -10.37 9.22 12.31
CA GLU A 6 -9.59 9.04 13.53
C GLU A 6 -9.20 7.57 13.66
N ARG A 7 -10.13 6.69 13.30
CA ARG A 7 -9.87 5.25 13.36
C ARG A 7 -8.81 4.87 12.33
N ILE A 8 -8.86 5.54 11.18
CA ILE A 8 -7.92 5.28 10.10
C ILE A 8 -6.51 5.75 10.44
N LEU A 9 -6.38 6.94 11.01
CA LEU A 9 -5.08 7.48 11.39
C LEU A 9 -4.46 6.53 12.42
N GLU A 10 -5.30 6.01 13.31
CA GLU A 10 -4.86 5.10 14.36
C GLU A 10 -4.31 3.80 13.82
N ALA A 11 -4.91 3.31 12.74
CA ALA A 11 -4.44 2.08 12.13
C ALA A 11 -3.02 2.34 11.63
N GLU A 12 -2.80 3.54 11.11
CA GLU A 12 -1.50 3.93 10.59
C GLU A 12 -0.43 4.05 11.68
N LEU A 13 -0.75 4.80 12.74
CA LEU A 13 0.20 4.98 13.83
C LEU A 13 0.45 3.66 14.55
N ALA A 14 -0.55 2.80 14.55
CA ALA A 14 -0.45 1.51 15.22
C ALA A 14 0.51 0.52 14.55
N VAL A 15 0.54 0.53 13.21
CA VAL A 15 1.39 -0.39 12.47
C VAL A 15 2.80 0.12 12.21
N GLU A 16 2.99 1.43 12.24
CA GLU A 16 4.31 1.98 11.96
C GLU A 16 4.80 3.04 12.95
N PRO A 17 5.86 2.71 13.70
CA PRO A 17 6.46 3.61 14.70
C PRO A 17 7.30 4.70 14.04
N ASN A 35 23.65 -7.22 0.64
CA ASN A 35 24.10 -6.11 -0.20
C ASN A 35 23.16 -5.83 -1.36
N ASP A 36 22.74 -6.87 -2.07
CA ASP A 36 21.82 -6.69 -3.18
C ASP A 36 20.58 -5.95 -2.68
N PRO A 37 20.42 -4.69 -3.09
CA PRO A 37 19.26 -3.92 -2.64
C PRO A 37 17.92 -4.63 -2.93
N VAL A 38 17.86 -5.38 -4.02
CA VAL A 38 16.65 -6.11 -4.36
C VAL A 38 16.29 -7.13 -3.27
N THR A 39 17.30 -7.87 -2.80
CA THR A 39 17.09 -8.85 -1.74
C THR A 39 16.55 -8.16 -0.49
N ASN A 40 17.19 -7.06 -0.09
CA ASN A 40 16.76 -6.32 1.09
C ASN A 40 15.33 -5.81 0.94
N ILE A 41 14.99 -5.37 -0.27
CA ILE A 41 13.64 -4.89 -0.52
C ILE A 41 12.63 -6.04 -0.39
N CYS A 42 12.96 -7.19 -0.96
CA CYS A 42 12.08 -8.34 -0.86
C CYS A 42 11.92 -8.84 0.57
N GLN A 43 12.96 -8.72 1.38
CA GLN A 43 12.86 -9.16 2.77
C GLN A 43 11.92 -8.21 3.52
N ALA A 44 12.03 -6.92 3.18
CA ALA A 44 11.21 -5.89 3.80
C ALA A 44 9.74 -6.08 3.46
N ALA A 45 9.47 -6.39 2.20
CA ALA A 45 8.11 -6.60 1.74
C ALA A 45 7.45 -7.79 2.43
N ASP A 46 8.22 -8.84 2.67
CA ASP A 46 7.67 -10.03 3.33
C ASP A 46 7.31 -9.67 4.76
N LYS A 47 8.19 -8.91 5.40
CA LYS A 47 8.00 -8.46 6.77
C LYS A 47 6.76 -7.57 6.88
N GLN A 48 6.61 -6.64 5.94
CA GLN A 48 5.45 -5.76 6.01
C GLN A 48 4.13 -6.45 5.69
N LEU A 49 4.18 -7.56 4.98
CA LEU A 49 2.94 -8.26 4.64
C LEU A 49 2.20 -8.69 5.91
N PHE A 50 2.94 -9.00 6.97
CA PHE A 50 2.31 -9.40 8.22
C PHE A 50 1.64 -8.20 8.86
N THR A 51 2.37 -7.09 8.90
CA THR A 51 1.90 -5.84 9.46
C THR A 51 0.69 -5.31 8.70
N LEU A 52 0.66 -5.55 7.39
CA LEU A 52 -0.45 -5.11 6.56
C LEU A 52 -1.76 -5.79 7.00
N VAL A 53 -1.66 -7.05 7.38
CA VAL A 53 -2.85 -7.78 7.83
C VAL A 53 -3.39 -7.12 9.12
N GLU A 54 -2.49 -6.79 10.04
CA GLU A 54 -2.91 -6.16 11.28
C GLU A 54 -3.48 -4.76 11.01
N TRP A 55 -2.93 -4.07 10.01
CA TRP A 55 -3.41 -2.75 9.67
C TRP A 55 -4.86 -2.81 9.19
N ALA A 56 -5.12 -3.69 8.23
CA ALA A 56 -6.45 -3.84 7.67
C ALA A 56 -7.47 -4.18 8.73
N LYS A 57 -7.09 -5.07 9.65
CA LYS A 57 -7.98 -5.46 10.73
C LYS A 57 -8.43 -4.25 11.54
N ARG A 58 -7.61 -3.21 11.56
CA ARG A 58 -7.93 -1.98 12.29
C ARG A 58 -8.73 -0.97 11.45
N ILE A 59 -8.96 -1.29 10.18
CA ILE A 59 -9.75 -0.41 9.31
C ILE A 59 -11.22 -0.77 9.56
N PRO A 60 -12.03 0.22 9.93
CA PRO A 60 -13.46 0.02 10.21
C PRO A 60 -14.21 -0.85 9.22
N HIS A 61 -14.92 -1.84 9.76
CA HIS A 61 -15.74 -2.74 8.96
C HIS A 61 -14.99 -3.74 8.07
N PHE A 62 -13.66 -3.69 8.04
CA PHE A 62 -12.94 -4.64 7.21
C PHE A 62 -13.14 -6.06 7.73
N SER A 63 -12.98 -6.26 9.04
CA SER A 63 -13.13 -7.57 9.66
C SER A 63 -14.56 -8.14 9.63
N GLU A 64 -15.54 -7.26 9.47
CA GLU A 64 -16.93 -7.70 9.44
C GLU A 64 -17.29 -8.33 8.11
N LEU A 65 -16.39 -8.24 7.13
CA LEU A 65 -16.62 -8.82 5.82
C LEU A 65 -16.23 -10.30 5.89
N PRO A 66 -16.86 -11.15 5.08
CA PRO A 66 -16.51 -12.57 5.10
C PRO A 66 -15.04 -12.82 4.78
N LEU A 67 -14.39 -13.66 5.57
CA LEU A 67 -12.99 -13.98 5.41
C LEU A 67 -12.54 -14.12 3.95
N ASP A 68 -13.38 -14.75 3.13
CA ASP A 68 -13.05 -14.93 1.73
C ASP A 68 -12.80 -13.61 1.03
N ASP A 69 -13.64 -12.62 1.29
CA ASP A 69 -13.47 -11.31 0.67
C ASP A 69 -12.30 -10.53 1.27
N GLN A 70 -12.03 -10.73 2.56
CA GLN A 70 -10.91 -10.06 3.19
C GLN A 70 -9.63 -10.55 2.50
N VAL A 71 -9.59 -11.84 2.18
CA VAL A 71 -8.44 -12.44 1.50
C VAL A 71 -8.31 -11.84 0.09
N ILE A 72 -9.44 -11.75 -0.60
CA ILE A 72 -9.45 -11.20 -1.95
C ILE A 72 -8.95 -9.76 -1.98
N LEU A 73 -9.47 -8.93 -1.07
CA LEU A 73 -9.05 -7.53 -1.04
C LEU A 73 -7.56 -7.35 -0.78
N LEU A 74 -7.01 -8.12 0.16
CA LEU A 74 -5.59 -7.98 0.47
C LEU A 74 -4.71 -8.55 -0.63
N ARG A 75 -5.10 -9.67 -1.20
CA ARG A 75 -4.31 -10.27 -2.28
C ARG A 75 -4.32 -9.33 -3.50
N ALA A 76 -5.38 -8.54 -3.64
CA ALA A 76 -5.49 -7.62 -4.77
C ALA A 76 -4.79 -6.28 -4.54
N GLY A 77 -4.72 -5.83 -3.31
CA GLY A 77 -4.08 -4.54 -3.05
C GLY A 77 -2.77 -4.49 -2.28
N TRP A 78 -2.31 -5.62 -1.75
CA TRP A 78 -1.08 -5.61 -0.96
C TRP A 78 0.07 -4.80 -1.56
N ASN A 79 0.32 -4.95 -2.86
CA ASN A 79 1.42 -4.23 -3.49
C ASN A 79 1.26 -2.72 -3.49
N GLU A 80 0.10 -2.22 -3.88
CA GLU A 80 -0.12 -0.77 -3.86
C GLU A 80 -0.13 -0.29 -2.41
N LEU A 81 -0.71 -1.09 -1.51
CA LEU A 81 -0.76 -0.72 -0.11
C LEU A 81 0.63 -0.55 0.48
N LEU A 82 1.53 -1.48 0.16
CA LEU A 82 2.89 -1.43 0.66
C LEU A 82 3.70 -0.34 -0.05
N ILE A 83 3.45 -0.16 -1.34
CA ILE A 83 4.19 0.87 -2.06
C ILE A 83 3.87 2.27 -1.53
N ALA A 84 2.60 2.50 -1.21
CA ALA A 84 2.17 3.80 -0.67
C ALA A 84 2.84 4.08 0.67
N SER A 85 2.93 3.05 1.52
CA SER A 85 3.55 3.17 2.83
C SER A 85 5.03 3.54 2.82
N PHE A 86 5.88 2.78 2.12
CA PHE A 86 7.29 3.13 2.14
C PHE A 86 7.55 4.42 1.35
N SER A 87 6.62 4.78 0.48
CA SER A 87 6.77 6.01 -0.28
C SER A 87 6.54 7.20 0.67
N HIS A 88 5.44 7.18 1.40
CA HIS A 88 5.16 8.27 2.33
C HIS A 88 6.24 8.30 3.41
N ARG A 89 6.70 7.13 3.82
CA ARG A 89 7.74 7.04 4.85
C ARG A 89 9.06 7.68 4.39
N SER A 90 9.30 7.71 3.08
CA SER A 90 10.55 8.24 2.53
C SER A 90 10.54 9.72 2.13
N ILE A 91 9.46 10.42 2.42
CA ILE A 91 9.34 11.83 2.09
C ILE A 91 10.48 12.70 2.63
N ALA A 92 11.10 12.27 3.72
CA ALA A 92 12.20 13.02 4.31
C ALA A 92 13.52 12.77 3.57
N VAL A 93 13.74 11.52 3.19
CA VAL A 93 14.95 11.12 2.47
C VAL A 93 15.15 11.92 1.18
N LYS A 94 16.41 12.10 0.79
CA LYS A 94 16.75 12.83 -0.43
C LYS A 94 16.42 12.00 -1.68
N ASP A 95 17.37 11.16 -2.10
CA ASP A 95 17.14 10.32 -3.27
C ASP A 95 17.24 8.85 -2.93
N GLY A 96 16.23 8.37 -2.22
CA GLY A 96 16.20 6.99 -1.81
C GLY A 96 14.94 6.76 -0.99
N ILE A 97 14.70 5.52 -0.60
CA ILE A 97 13.53 5.24 0.23
C ILE A 97 13.99 4.50 1.47
N LEU A 98 13.22 4.67 2.54
CA LEU A 98 13.52 4.03 3.80
C LEU A 98 12.71 2.73 3.94
N LEU A 99 13.39 1.60 4.06
CA LEU A 99 12.70 0.33 4.21
C LEU A 99 12.20 0.16 5.64
N ALA A 100 11.17 -0.65 5.82
CA ALA A 100 10.61 -0.87 7.15
C ALA A 100 11.62 -1.54 8.08
N THR A 101 12.61 -2.21 7.50
CA THR A 101 13.63 -2.89 8.27
C THR A 101 14.71 -1.96 8.82
N GLY A 102 14.57 -0.67 8.53
CA GLY A 102 15.55 0.31 9.01
C GLY A 102 16.70 0.56 8.05
N LEU A 103 16.67 -0.04 6.86
CA LEU A 103 17.72 0.18 5.88
C LEU A 103 17.32 1.19 4.80
N HIS A 104 18.29 1.90 4.26
CA HIS A 104 18.01 2.89 3.22
C HIS A 104 18.54 2.42 1.87
N VAL A 105 17.71 2.57 0.84
CA VAL A 105 18.13 2.21 -0.50
C VAL A 105 18.25 3.51 -1.28
N HIS A 106 19.49 3.87 -1.59
CA HIS A 106 19.74 5.09 -2.33
C HIS A 106 19.49 4.87 -3.82
N ARG A 107 19.20 5.96 -4.51
CA ARG A 107 18.94 5.93 -5.95
C ARG A 107 20.08 5.25 -6.71
N ASN A 108 21.31 5.61 -6.39
CA ASN A 108 22.48 5.04 -7.05
C ASN A 108 22.58 3.54 -6.82
N SER A 109 22.21 3.12 -5.62
CA SER A 109 22.27 1.71 -5.27
C SER A 109 21.25 0.94 -6.10
N ALA A 110 20.06 1.52 -6.26
CA ALA A 110 19.00 0.88 -7.04
C ALA A 110 19.44 0.77 -8.50
N HIS A 111 20.02 1.85 -9.02
CA HIS A 111 20.50 1.87 -10.40
C HIS A 111 21.57 0.80 -10.62
N SER A 112 22.51 0.67 -9.67
CA SER A 112 23.58 -0.31 -9.81
C SER A 112 23.11 -1.78 -9.73
N ALA A 113 21.85 -1.99 -9.39
CA ALA A 113 21.31 -3.35 -9.29
C ALA A 113 20.32 -3.65 -10.41
N GLY A 114 20.22 -2.75 -11.39
CA GLY A 114 19.31 -2.99 -12.49
C GLY A 114 17.86 -2.57 -12.32
N VAL A 115 17.49 -2.04 -11.16
CA VAL A 115 16.10 -1.62 -10.97
C VAL A 115 15.95 -0.11 -10.94
N GLY A 116 16.88 0.59 -11.55
CA GLY A 116 16.86 2.05 -11.58
C GLY A 116 15.61 2.74 -12.11
N ALA A 117 15.07 2.25 -13.23
CA ALA A 117 13.88 2.84 -13.85
C ALA A 117 12.63 2.87 -12.99
N ILE A 118 12.29 1.73 -12.38
CA ILE A 118 11.11 1.68 -11.54
C ILE A 118 11.34 2.48 -10.25
N PHE A 119 12.57 2.43 -9.72
CA PHE A 119 12.93 3.15 -8.50
C PHE A 119 12.74 4.65 -8.72
N ASP A 120 13.19 5.14 -9.87
CA ASP A 120 13.05 6.55 -10.20
C ASP A 120 11.56 6.93 -10.34
N ARG A 121 10.76 6.04 -10.90
CA ARG A 121 9.33 6.31 -11.05
C ARG A 121 8.70 6.50 -9.66
N VAL A 122 9.15 5.72 -8.69
CA VAL A 122 8.64 5.82 -7.33
C VAL A 122 8.99 7.17 -6.71
N LEU A 123 10.23 7.61 -6.91
CA LEU A 123 10.69 8.89 -6.37
C LEU A 123 10.00 10.07 -7.03
N THR A 124 9.88 9.99 -8.36
CA THR A 124 9.27 11.05 -9.15
C THR A 124 7.75 11.13 -9.03
N GLU A 125 7.05 10.02 -9.25
CA GLU A 125 5.60 10.02 -9.21
C GLU A 125 4.94 9.91 -7.86
N LEU A 126 5.62 9.28 -6.90
CA LEU A 126 5.04 9.14 -5.58
C LEU A 126 5.67 10.00 -4.50
N VAL A 127 6.87 9.63 -4.06
CA VAL A 127 7.56 10.36 -3.00
C VAL A 127 7.63 11.86 -3.17
N SER A 128 8.15 12.31 -4.31
CA SER A 128 8.27 13.73 -4.61
C SER A 128 6.95 14.45 -4.44
N LYS A 129 5.92 13.90 -5.09
CA LYS A 129 4.59 14.47 -5.05
C LYS A 129 4.02 14.46 -3.64
N MET A 130 4.28 13.41 -2.87
CA MET A 130 3.79 13.35 -1.51
C MET A 130 4.46 14.46 -0.69
N ARG A 131 5.73 14.70 -0.97
CA ARG A 131 6.50 15.73 -0.28
C ARG A 131 6.08 17.13 -0.67
N ASP A 132 5.84 17.36 -1.96
CA ASP A 132 5.43 18.67 -2.44
C ASP A 132 4.11 19.16 -1.85
N MET A 133 3.21 18.25 -1.52
CA MET A 133 1.92 18.66 -0.96
C MET A 133 1.81 18.38 0.53
N GLN A 134 2.87 17.84 1.12
CA GLN A 134 2.89 17.53 2.54
C GLN A 134 1.72 16.62 2.94
N MET A 135 1.52 15.55 2.19
CA MET A 135 0.45 14.61 2.49
C MET A 135 0.67 14.11 3.91
N ASP A 136 -0.35 14.25 4.76
CA ASP A 136 -0.24 13.80 6.15
C ASP A 136 -0.65 12.35 6.32
N LYS A 137 -0.38 11.80 7.51
CA LYS A 137 -0.69 10.41 7.82
C LYS A 137 -2.17 10.05 7.68
N THR A 138 -3.04 10.99 8.01
CA THR A 138 -4.46 10.76 7.90
C THR A 138 -4.84 10.55 6.44
N GLU A 139 -4.26 11.38 5.58
CA GLU A 139 -4.52 11.34 4.14
C GLU A 139 -4.02 10.03 3.53
N LEU A 140 -2.84 9.61 3.96
CA LEU A 140 -2.23 8.37 3.49
C LEU A 140 -3.13 7.22 3.89
N GLY A 141 -3.52 7.21 5.16
CA GLY A 141 -4.39 6.17 5.68
C GLY A 141 -5.64 5.99 4.87
N CYS A 142 -6.29 7.11 4.54
CA CYS A 142 -7.51 7.09 3.76
C CYS A 142 -7.29 6.55 2.37
N LEU A 143 -6.22 7.02 1.73
CA LEU A 143 -5.91 6.58 0.38
C LEU A 143 -5.68 5.07 0.38
N ARG A 144 -5.03 4.54 1.41
CA ARG A 144 -4.80 3.11 1.47
C ARG A 144 -6.11 2.39 1.75
N ALA A 145 -7.00 3.03 2.51
CA ALA A 145 -8.29 2.45 2.82
C ALA A 145 -9.08 2.35 1.53
N ILE A 146 -8.98 3.36 0.69
CA ILE A 146 -9.69 3.37 -0.59
C ILE A 146 -9.14 2.26 -1.50
N VAL A 147 -7.82 2.10 -1.49
CA VAL A 147 -7.20 1.07 -2.31
C VAL A 147 -7.62 -0.31 -1.79
N LEU A 148 -7.63 -0.47 -0.47
CA LEU A 148 -8.03 -1.72 0.16
C LEU A 148 -9.44 -2.10 -0.28
N PHE A 149 -10.36 -1.15 -0.19
CA PHE A 149 -11.75 -1.36 -0.56
C PHE A 149 -11.98 -1.25 -2.07
N ASN A 150 -11.29 -2.09 -2.83
CA ASN A 150 -11.40 -2.09 -4.30
C ASN A 150 -12.57 -2.98 -4.74
N PRO A 151 -13.70 -2.38 -5.15
CA PRO A 151 -14.87 -3.15 -5.59
C PRO A 151 -14.66 -3.92 -6.90
N ASP A 152 -13.61 -3.57 -7.64
CA ASP A 152 -13.31 -4.26 -8.90
C ASP A 152 -12.62 -5.61 -8.69
N SER A 153 -12.17 -5.87 -7.48
CA SER A 153 -11.50 -7.15 -7.17
C SER A 153 -12.38 -8.30 -7.65
N LYS A 154 -11.82 -9.17 -8.48
CA LYS A 154 -12.56 -10.31 -9.03
C LYS A 154 -12.84 -11.36 -7.95
N GLY A 155 -14.08 -11.84 -7.88
CA GLY A 155 -14.41 -12.85 -6.90
C GLY A 155 -15.19 -12.40 -5.67
N LEU A 156 -15.24 -11.08 -5.44
CA LEU A 156 -15.96 -10.54 -4.30
C LEU A 156 -17.38 -11.12 -4.23
N SER A 157 -17.78 -11.53 -3.04
CA SER A 157 -19.12 -12.11 -2.85
C SER A 157 -20.15 -11.01 -2.94
N ASN A 158 -19.79 -9.80 -2.53
CA ASN A 158 -20.70 -8.68 -2.60
C ASN A 158 -19.97 -7.39 -2.95
N PRO A 159 -19.68 -7.17 -4.24
CA PRO A 159 -18.97 -5.96 -4.66
C PRO A 159 -19.63 -4.64 -4.22
N ALA A 160 -20.95 -4.58 -4.24
CA ALA A 160 -21.66 -3.37 -3.84
C ALA A 160 -21.32 -2.98 -2.39
N GLU A 161 -21.20 -3.98 -1.52
CA GLU A 161 -20.86 -3.75 -0.12
C GLU A 161 -19.47 -3.12 0.02
N VAL A 162 -18.53 -3.55 -0.82
CA VAL A 162 -17.17 -3.03 -0.78
C VAL A 162 -17.18 -1.65 -1.40
N GLU A 163 -18.00 -1.48 -2.41
CA GLU A 163 -18.14 -0.19 -3.08
C GLU A 163 -18.65 0.83 -2.06
N ALA A 164 -19.63 0.42 -1.25
CA ALA A 164 -20.21 1.30 -0.23
C ALA A 164 -19.17 1.75 0.78
N LEU A 165 -18.30 0.84 1.19
CA LEU A 165 -17.25 1.17 2.16
C LEU A 165 -16.25 2.16 1.56
N ARG A 166 -15.86 1.94 0.31
CA ARG A 166 -14.92 2.84 -0.36
C ARG A 166 -15.47 4.27 -0.38
N GLU A 167 -16.75 4.42 -0.70
CA GLU A 167 -17.39 5.73 -0.74
C GLU A 167 -17.41 6.41 0.63
N LYS A 168 -17.55 5.64 1.71
CA LYS A 168 -17.55 6.23 3.04
C LYS A 168 -16.15 6.71 3.41
N VAL A 169 -15.12 6.04 2.89
CA VAL A 169 -13.75 6.44 3.19
C VAL A 169 -13.43 7.75 2.47
N TYR A 170 -13.80 7.87 1.21
CA TYR A 170 -13.49 9.09 0.51
C TYR A 170 -14.43 10.23 0.87
N ALA A 171 -15.58 9.87 1.44
CA ALA A 171 -16.53 10.89 1.88
C ALA A 171 -15.89 11.53 3.12
N SER A 172 -15.36 10.69 4.01
CA SER A 172 -14.71 11.15 5.23
C SER A 172 -13.42 11.89 4.90
N LEU A 173 -12.69 11.39 3.92
CA LEU A 173 -11.42 12.00 3.51
C LEU A 173 -11.62 13.40 2.98
N GLU A 174 -12.62 13.58 2.12
CA GLU A 174 -12.89 14.90 1.56
C GLU A 174 -13.30 15.87 2.66
N ALA A 175 -14.10 15.39 3.61
CA ALA A 175 -14.53 16.23 4.72
C ALA A 175 -13.29 16.67 5.51
N TYR A 176 -12.36 15.73 5.73
CA TYR A 176 -11.12 16.01 6.45
C TYR A 176 -10.40 17.15 5.74
N CYS A 177 -10.24 17.01 4.42
CA CYS A 177 -9.62 18.06 3.62
C CYS A 177 -10.69 19.15 3.64
N LYS A 178 -10.40 20.32 3.11
CA LYS A 178 -11.40 21.40 3.10
C LYS A 178 -11.66 21.94 4.51
N HIS A 179 -11.46 21.09 5.52
CA HIS A 179 -11.63 21.51 6.90
C HIS A 179 -10.24 21.68 7.52
N LYS A 180 -9.29 20.86 7.07
CA LYS A 180 -7.91 20.92 7.54
C LYS A 180 -7.09 21.79 6.59
N TYR A 181 -7.43 21.74 5.31
CA TYR A 181 -6.75 22.54 4.30
C TYR A 181 -7.78 23.30 3.49
N PRO A 182 -8.54 24.20 4.17
CA PRO A 182 -9.57 25.01 3.53
C PRO A 182 -9.03 25.85 2.39
N GLU A 183 -7.76 26.21 2.47
CA GLU A 183 -7.15 27.05 1.44
C GLU A 183 -6.70 26.28 0.20
N GLN A 184 -6.95 24.97 0.18
CA GLN A 184 -6.57 24.15 -0.96
C GLN A 184 -7.80 23.36 -1.44
N PRO A 185 -8.72 24.03 -2.14
CA PRO A 185 -9.93 23.41 -2.67
C PRO A 185 -9.69 22.25 -3.64
N GLY A 186 -8.47 22.12 -4.13
CA GLY A 186 -8.17 21.03 -5.04
C GLY A 186 -7.32 19.93 -4.41
N ARG A 187 -7.22 19.94 -3.08
CA ARG A 187 -6.42 18.92 -2.41
C ARG A 187 -7.00 17.52 -2.53
N PHE A 188 -8.28 17.38 -2.22
CA PHE A 188 -8.98 16.10 -2.29
C PHE A 188 -8.75 15.43 -3.65
N ALA A 189 -8.97 16.19 -4.72
CA ALA A 189 -8.78 15.67 -6.07
C ALA A 189 -7.30 15.33 -6.35
N LYS A 190 -6.39 16.17 -5.86
CA LYS A 190 -4.98 15.94 -6.05
C LYS A 190 -4.55 14.63 -5.39
N LEU A 191 -5.18 14.29 -4.27
CA LEU A 191 -4.87 13.07 -3.55
C LEU A 191 -5.32 11.83 -4.33
N LEU A 192 -6.56 11.87 -4.80
CA LEU A 192 -7.11 10.74 -5.54
C LEU A 192 -6.36 10.56 -6.85
N LEU A 193 -5.84 11.65 -7.40
CA LEU A 193 -5.13 11.60 -8.67
C LEU A 193 -3.74 10.99 -8.66
N ARG A 194 -3.29 10.51 -7.49
CA ARG A 194 -2.02 9.82 -7.42
C ARG A 194 -2.33 8.31 -7.53
N LEU A 195 -3.61 7.96 -7.47
CA LEU A 195 -4.01 6.55 -7.53
C LEU A 195 -3.71 5.85 -8.85
N PRO A 196 -3.91 6.55 -9.98
CA PRO A 196 -3.59 5.87 -11.24
C PRO A 196 -2.11 5.56 -11.29
N ALA A 197 -1.28 6.47 -10.77
CA ALA A 197 0.18 6.28 -10.75
C ALA A 197 0.55 5.11 -9.86
N LEU A 198 -0.10 5.04 -8.70
CA LEU A 198 0.13 3.96 -7.76
C LEU A 198 -0.22 2.62 -8.40
N ARG A 199 -1.32 2.57 -9.14
CA ARG A 199 -1.76 1.35 -9.82
C ARG A 199 -0.71 0.91 -10.85
N SER A 200 -0.20 1.87 -11.60
CA SER A 200 0.78 1.64 -12.65
C SER A 200 2.09 1.14 -12.07
N ILE A 201 2.59 1.85 -11.07
CA ILE A 201 3.82 1.48 -10.41
C ILE A 201 3.64 0.11 -9.72
N GLY A 202 2.44 -0.13 -9.21
CA GLY A 202 2.17 -1.40 -8.55
C GLY A 202 2.26 -2.58 -9.50
N LEU A 203 1.75 -2.43 -10.71
CA LEU A 203 1.77 -3.49 -11.71
C LEU A 203 3.19 -3.79 -12.18
N LYS A 204 3.97 -2.73 -12.34
CA LYS A 204 5.34 -2.87 -12.77
C LYS A 204 6.18 -3.58 -11.70
N CYS A 205 5.92 -3.27 -10.43
CA CYS A 205 6.66 -3.90 -9.36
C CYS A 205 6.38 -5.39 -9.32
N LEU A 206 5.13 -5.77 -9.60
CA LEU A 206 4.79 -7.19 -9.61
C LEU A 206 5.50 -7.91 -10.75
N GLU A 207 5.54 -7.31 -11.94
CA GLU A 207 6.22 -7.91 -13.08
C GLU A 207 7.68 -8.26 -12.70
N HIS A 208 8.37 -7.31 -12.07
CA HIS A 208 9.75 -7.50 -11.66
C HIS A 208 9.83 -8.69 -10.71
N LEU A 209 8.92 -8.71 -9.74
CA LEU A 209 8.87 -9.78 -8.74
C LEU A 209 8.64 -11.14 -9.38
N PHE A 210 7.72 -11.24 -10.32
CA PHE A 210 7.48 -12.52 -10.97
C PHE A 210 8.73 -12.93 -11.72
N PHE A 211 9.37 -11.95 -12.36
CA PHE A 211 10.60 -12.23 -13.08
C PHE A 211 11.71 -12.71 -12.13
N PHE A 212 11.86 -12.06 -10.97
CA PHE A 212 12.87 -12.45 -10.01
C PHE A 212 12.66 -13.90 -9.56
N LYS A 213 11.40 -14.30 -9.44
CA LYS A 213 11.06 -15.66 -9.04
C LYS A 213 11.43 -16.63 -10.16
N LEU A 214 11.10 -16.26 -11.39
CA LEU A 214 11.40 -17.09 -12.55
C LEU A 214 12.90 -17.34 -12.63
N ILE A 215 13.67 -16.26 -12.65
CA ILE A 215 15.13 -16.31 -12.73
C ILE A 215 15.79 -17.17 -11.66
N GLY A 216 15.10 -17.36 -10.54
CA GLY A 216 15.67 -18.19 -9.49
C GLY A 216 16.50 -17.47 -8.46
N ASP A 217 17.30 -16.49 -8.88
CA ASP A 217 18.11 -15.76 -7.90
C ASP A 217 17.13 -14.95 -7.06
N THR A 218 17.63 -14.29 -6.02
CA THR A 218 16.78 -13.47 -5.15
C THR A 218 15.88 -14.30 -4.25
N PRO A 219 16.22 -14.39 -2.96
CA PRO A 219 15.41 -15.16 -2.00
C PRO A 219 14.04 -14.50 -1.83
N ILE A 220 12.99 -15.31 -1.83
CA ILE A 220 11.65 -14.80 -1.66
C ILE A 220 11.00 -15.55 -0.52
N ASP A 221 10.73 -14.84 0.58
CA ASP A 221 10.12 -15.45 1.75
C ASP A 221 8.71 -15.99 1.53
N THR A 222 8.26 -16.83 2.45
CA THR A 222 6.96 -17.48 2.33
C THR A 222 5.70 -16.65 2.19
N PHE A 223 5.62 -15.50 2.85
CA PHE A 223 4.39 -14.71 2.72
C PHE A 223 4.38 -13.99 1.37
N LEU A 224 5.53 -13.46 0.98
CA LEU A 224 5.65 -12.79 -0.30
C LEU A 224 5.38 -13.81 -1.42
N MET A 225 6.00 -14.97 -1.29
CA MET A 225 5.83 -16.04 -2.26
C MET A 225 4.36 -16.45 -2.38
N GLU A 226 3.68 -16.52 -1.25
CA GLU A 226 2.27 -16.89 -1.27
C GLU A 226 1.48 -15.86 -2.07
N MET A 227 1.90 -14.59 -2.02
CA MET A 227 1.19 -13.56 -2.76
C MET A 227 1.35 -13.74 -4.29
N LEU A 228 2.42 -14.42 -4.68
CA LEU A 228 2.69 -14.69 -6.10
C LEU A 228 1.96 -15.96 -6.58
N GLU A 229 1.20 -16.58 -5.68
CA GLU A 229 0.45 -17.79 -6.04
C GLU A 229 -0.70 -17.39 -6.95
N ALA A 230 -1.29 -18.37 -7.60
CA ALA A 230 -2.41 -18.13 -8.49
C ALA A 230 -3.66 -18.12 -7.62
N PRO A 231 -4.71 -17.38 -8.04
CA PRO A 231 -4.78 -16.59 -9.27
C PRO A 231 -3.93 -15.31 -9.22
N LYS B 1 -5.23 -23.18 -0.57
CA LYS B 1 -4.38 -22.05 -1.01
C LYS B 1 -4.43 -20.88 -0.03
N HIS B 2 -3.49 -19.94 -0.17
CA HIS B 2 -3.39 -18.76 0.69
C HIS B 2 -3.47 -19.13 2.18
N LYS B 3 -2.69 -20.15 2.58
CA LYS B 3 -2.65 -20.62 3.96
C LYS B 3 -2.33 -19.55 5.01
N ILE B 4 -1.17 -18.94 4.87
CA ILE B 4 -0.70 -17.90 5.79
C ILE B 4 -1.72 -16.79 5.98
N LEU B 5 -2.15 -16.18 4.87
CA LEU B 5 -3.10 -15.09 4.92
C LEU B 5 -4.36 -15.45 5.72
N HIS B 6 -4.94 -16.60 5.45
CA HIS B 6 -6.15 -17.04 6.15
C HIS B 6 -5.92 -17.14 7.65
N ARG B 7 -4.83 -17.81 8.04
CA ARG B 7 -4.49 -17.99 9.45
C ARG B 7 -4.34 -16.67 10.16
N LEU B 8 -3.73 -15.70 9.49
CA LEU B 8 -3.53 -14.39 10.09
C LEU B 8 -4.82 -13.62 10.27
N LEU B 9 -5.74 -13.71 9.30
CA LEU B 9 -7.00 -13.00 9.38
C LEU B 9 -7.98 -13.56 10.42
N GLN B 10 -7.94 -14.88 10.61
CA GLN B 10 -8.80 -15.56 11.56
C GLN B 10 -8.46 -15.27 13.02
N ASP B 11 -7.17 -15.28 13.35
CA ASP B 11 -6.72 -15.05 14.71
C ASP B 11 -7.17 -13.71 15.32
#